data_9F0P
#
_entry.id   9F0P
#
_cell.length_a   102.145
_cell.length_b   79.019
_cell.length_c   67.896
_cell.angle_alpha   90.000
_cell.angle_beta   130.730
_cell.angle_gamma   90.000
#
_symmetry.space_group_name_H-M   'C 1 2 1'
#
loop_
_entity.id
_entity.type
_entity.pdbx_description
1 polymer 'Metallo-beta-lactamase type 2'
2 non-polymer 'FORMIC ACID'
3 non-polymer '[(S)-(1-benzothiophen-2-ylcarbonylamino)-(2-hydroxyphenyl)methyl]phosphonic acid'
4 non-polymer 'ZINC ION'
5 non-polymer '[(R)-(1-benzothiophen-2-ylcarbonylamino)-(2-hydroxyphenyl)methyl]phosphonic acid'
6 water water
#
_entity_poly.entity_id   1
_entity_poly.type   'polypeptide(L)'
_entity_poly.pdbx_seq_one_letter_code
;MHHHHHHENLYFQGVDSSGEYPTVSEIPVGEVRLYQIADGVWSHIATQSFDGAVYPSNGLIVRDGDELLLIDTAWGAKNT
AALLAEIEKQIGLPVTRAVSTHFHDDRVGGVDVLRAAGVATYASPSTRRLAEVEGNEIPTHSLEGLSSSGDAVRFGPVEL
FYPGAAHSTDNLVVYVPSASVLYGGCAIYELSRTSAGNVADADLAEWPTSIERIQQHYPEAQFVIPGHGLPGGLDLLKHT
TNVVKAHTNRSVVE
;
_entity_poly.pdbx_strand_id   A,B
#
loop_
_chem_comp.id
_chem_comp.type
_chem_comp.name
_chem_comp.formula
A1H8T non-polymer '[(R)-(1-benzothiophen-2-ylcarbonylamino)-(2-hydroxyphenyl)methyl]phosphonic acid' 'C16 H14 N O5 P S'
A1IKA non-polymer '[(S)-(1-benzothiophen-2-ylcarbonylamino)-(2-hydroxyphenyl)methyl]phosphonic acid' 'C16 H14 N O5 P S'
FMT non-polymer 'FORMIC ACID' 'C H2 O2'
ZN non-polymer 'ZINC ION' 'Zn 2'
#
# COMPACT_ATOMS: atom_id res chain seq x y z
N GLU A 20 20.26 -23.45 11.42
CA GLU A 20 19.71 -23.91 10.16
C GLU A 20 18.58 -23.00 9.66
N TYR A 21 17.76 -22.49 10.57
CA TYR A 21 16.66 -21.61 10.18
C TYR A 21 17.22 -20.31 9.62
N PRO A 22 16.74 -19.85 8.46
CA PRO A 22 17.31 -18.62 7.87
C PRO A 22 16.97 -17.41 8.72
N THR A 23 17.96 -16.54 8.86
CA THR A 23 17.84 -15.31 9.64
C THR A 23 17.77 -14.12 8.72
N VAL A 24 17.48 -12.96 9.33
CA VAL A 24 17.26 -11.72 8.58
C VAL A 24 18.41 -11.44 7.64
N SER A 25 19.64 -11.58 8.14
CA SER A 25 20.83 -11.20 7.37
C SER A 25 21.15 -12.17 6.25
N GLU A 26 20.66 -13.41 6.31
CA GLU A 26 20.99 -14.43 5.34
C GLU A 26 20.03 -14.48 4.16
N ILE A 27 18.98 -13.66 4.16
CA ILE A 27 18.03 -13.63 3.05
C ILE A 27 18.11 -12.28 2.34
N PRO A 28 18.73 -12.23 1.17
CA PRO A 28 18.67 -11.00 0.36
C PRO A 28 17.24 -10.51 0.25
N VAL A 29 17.06 -9.20 0.47
CA VAL A 29 15.73 -8.60 0.46
C VAL A 29 15.05 -8.88 -0.88
N GLY A 30 13.74 -9.17 -0.82
CA GLY A 30 12.98 -9.50 -1.98
C GLY A 30 12.91 -10.98 -2.29
N GLU A 31 13.77 -11.79 -1.67
N GLU A 31 13.76 -11.80 -1.67
CA GLU A 31 13.77 -13.24 -1.87
CA GLU A 31 13.76 -13.22 -1.87
C GLU A 31 12.92 -13.90 -0.79
C GLU A 31 12.91 -13.89 -0.79
N VAL A 32 12.57 -15.16 -1.04
CA VAL A 32 11.79 -15.95 -0.09
C VAL A 32 12.48 -17.29 0.08
N ARG A 33 12.68 -17.70 1.32
CA ARG A 33 13.19 -19.02 1.63
C ARG A 33 12.08 -19.90 2.20
N LEU A 34 12.20 -21.19 1.97
CA LEU A 34 11.33 -22.17 2.58
C LEU A 34 12.15 -23.03 3.52
N TYR A 35 11.57 -23.38 4.67
CA TYR A 35 12.26 -24.16 5.68
C TYR A 35 11.33 -25.31 6.06
N GLN A 36 11.78 -26.54 5.83
CA GLN A 36 10.96 -27.71 6.13
C GLN A 36 11.03 -28.01 7.62
N ILE A 37 9.88 -27.95 8.28
CA ILE A 37 9.78 -28.17 9.73
C ILE A 37 9.53 -29.64 10.05
N ALA A 38 8.70 -30.27 9.26
CA ALA A 38 8.34 -31.68 9.42
C ALA A 38 7.80 -32.15 8.07
N ASP A 39 7.44 -33.42 8.01
CA ASP A 39 6.89 -33.97 6.78
C ASP A 39 5.64 -33.19 6.39
N GLY A 40 5.69 -32.56 5.21
CA GLY A 40 4.55 -31.81 4.72
C GLY A 40 4.29 -30.47 5.38
N VAL A 41 5.25 -29.91 6.11
CA VAL A 41 5.06 -28.64 6.80
C VAL A 41 6.31 -27.80 6.60
N TRP A 42 6.13 -26.62 6.02
CA TRP A 42 7.22 -25.67 5.85
C TRP A 42 6.83 -24.32 6.46
N SER A 43 7.84 -23.55 6.83
CA SER A 43 7.61 -22.12 6.95
C SER A 43 8.15 -21.43 5.72
N HIS A 44 7.60 -20.25 5.46
CA HIS A 44 8.15 -19.37 4.45
C HIS A 44 8.67 -18.11 5.12
N ILE A 45 9.84 -17.66 4.69
CA ILE A 45 10.54 -16.55 5.34
C ILE A 45 10.90 -15.50 4.30
N ALA A 46 10.50 -14.26 4.57
CA ALA A 46 10.70 -13.14 3.64
C ALA A 46 11.13 -11.92 4.46
N THR A 47 11.44 -10.84 3.77
CA THR A 47 11.94 -9.62 4.39
C THR A 47 11.18 -8.41 3.86
N GLN A 48 11.11 -7.38 4.69
CA GLN A 48 10.58 -6.08 4.29
C GLN A 48 11.49 -5.01 4.88
N SER A 49 12.15 -4.25 4.02
CA SER A 49 13.01 -3.15 4.42
C SER A 49 12.13 -1.90 4.50
N PHE A 50 11.71 -1.53 5.71
CA PHE A 50 10.79 -0.42 5.91
C PHE A 50 11.34 0.52 6.98
N ASP A 51 11.10 1.82 6.78
CA ASP A 51 11.60 2.87 7.67
C ASP A 51 13.12 2.80 7.83
N GLY A 52 13.83 2.21 6.88
CA GLY A 52 15.27 2.14 6.91
C GLY A 52 15.86 0.90 7.57
N ALA A 53 15.04 0.03 8.16
CA ALA A 53 15.51 -1.19 8.79
C ALA A 53 14.93 -2.40 8.06
N VAL A 54 15.51 -3.57 8.31
CA VAL A 54 15.13 -4.80 7.61
C VAL A 54 14.52 -5.76 8.61
N TYR A 55 13.32 -6.27 8.31
CA TYR A 55 12.58 -7.14 9.20
C TYR A 55 12.26 -8.47 8.52
N PRO A 56 12.41 -9.59 9.21
CA PRO A 56 11.99 -10.88 8.67
C PRO A 56 10.52 -11.14 9.00
N SER A 57 9.90 -12.03 8.24
CA SER A 57 8.51 -12.40 8.51
C SER A 57 8.30 -13.84 8.08
N ASN A 58 7.53 -14.58 8.89
CA ASN A 58 7.21 -15.98 8.64
C ASN A 58 5.75 -16.14 8.24
N GLY A 59 5.52 -17.14 7.38
CA GLY A 59 4.21 -17.78 7.21
C GLY A 59 4.38 -19.29 7.19
N LEU A 60 3.31 -20.01 6.84
CA LEU A 60 3.33 -21.47 6.90
C LEU A 60 2.79 -22.04 5.60
N ILE A 61 3.26 -23.26 5.27
CA ILE A 61 2.78 -24.04 4.13
C ILE A 61 2.51 -25.43 4.64
N VAL A 62 1.33 -25.97 4.39
CA VAL A 62 0.98 -27.30 4.86
C VAL A 62 0.46 -28.12 3.70
N ARG A 63 1.08 -29.29 3.47
CA ARG A 63 0.59 -30.18 2.42
C ARG A 63 -0.73 -30.82 2.82
N ASP A 64 -1.64 -30.93 1.86
CA ASP A 64 -2.92 -31.63 2.06
C ASP A 64 -3.17 -32.51 0.84
N GLY A 65 -2.78 -33.77 0.94
CA GLY A 65 -2.82 -34.63 -0.22
C GLY A 65 -1.84 -34.14 -1.26
N ASP A 66 -2.35 -33.77 -2.42
CA ASP A 66 -1.52 -33.30 -3.53
C ASP A 66 -1.65 -31.80 -3.76
N GLU A 67 -2.16 -31.08 -2.77
CA GLU A 67 -2.30 -29.63 -2.81
C GLU A 67 -1.64 -29.04 -1.58
N LEU A 68 -1.53 -27.72 -1.54
CA LEU A 68 -0.95 -27.01 -0.42
C LEU A 68 -1.91 -25.98 0.14
N LEU A 69 -1.92 -25.83 1.46
CA LEU A 69 -2.57 -24.72 2.14
C LEU A 69 -1.49 -23.72 2.55
N LEU A 70 -1.70 -22.44 2.20
CA LEU A 70 -0.79 -21.37 2.56
C LEU A 70 -1.36 -20.60 3.76
N ILE A 71 -0.51 -20.34 4.76
CA ILE A 71 -0.88 -19.47 5.87
C ILE A 71 -0.06 -18.19 5.75
N ASP A 72 -0.75 -17.10 5.46
CA ASP A 72 -0.22 -15.74 5.38
C ASP A 72 0.57 -15.46 4.12
N THR A 73 0.46 -14.23 3.63
CA THR A 73 1.27 -13.78 2.51
C THR A 73 2.70 -13.56 2.99
N ALA A 74 3.57 -13.18 2.04
CA ALA A 74 4.95 -12.85 2.37
C ALA A 74 5.19 -11.35 2.49
N TRP A 75 4.18 -10.60 2.95
CA TRP A 75 4.31 -9.16 3.21
C TRP A 75 4.58 -8.36 1.94
N GLY A 76 3.61 -8.28 1.05
CA GLY A 76 3.75 -7.47 -0.14
C GLY A 76 3.60 -8.22 -1.44
N ALA A 77 3.21 -7.51 -2.50
CA ALA A 77 2.92 -8.16 -3.79
C ALA A 77 4.16 -8.82 -4.39
N LYS A 78 5.28 -8.11 -4.43
N LYS A 78 5.28 -8.10 -4.43
CA LYS A 78 6.48 -8.67 -5.04
CA LYS A 78 6.48 -8.67 -5.03
C LYS A 78 6.99 -9.86 -4.23
C LYS A 78 7.00 -9.86 -4.23
N ASN A 79 7.02 -9.73 -2.90
CA ASN A 79 7.44 -10.86 -2.05
C ASN A 79 6.52 -12.06 -2.24
N THR A 80 5.20 -11.81 -2.35
CA THR A 80 4.25 -12.91 -2.47
C THR A 80 4.35 -13.58 -3.85
N ALA A 81 4.62 -12.79 -4.90
CA ALA A 81 4.95 -13.40 -6.19
C ALA A 81 6.18 -14.28 -6.09
N ALA A 82 7.23 -13.80 -5.41
CA ALA A 82 8.42 -14.63 -5.24
C ALA A 82 8.12 -15.87 -4.40
N LEU A 83 7.23 -15.75 -3.41
CA LEU A 83 6.84 -16.91 -2.62
C LEU A 83 6.19 -17.97 -3.50
N LEU A 84 5.24 -17.58 -4.34
CA LEU A 84 4.62 -18.57 -5.23
C LEU A 84 5.66 -19.19 -6.16
N ALA A 85 6.60 -18.38 -6.65
CA ALA A 85 7.62 -18.94 -7.54
C ALA A 85 8.51 -19.93 -6.79
N GLU A 86 8.83 -19.64 -5.53
CA GLU A 86 9.68 -20.56 -4.78
C GLU A 86 8.95 -21.85 -4.43
N ILE A 87 7.67 -21.75 -4.09
CA ILE A 87 6.86 -22.94 -3.84
C ILE A 87 6.83 -23.83 -5.08
N GLU A 88 6.58 -23.23 -6.25
CA GLU A 88 6.54 -24.05 -7.47
C GLU A 88 7.91 -24.68 -7.74
N LYS A 89 8.98 -23.94 -7.49
CA LYS A 89 10.31 -24.46 -7.74
C LYS A 89 10.69 -25.60 -6.78
N GLN A 90 10.41 -25.44 -5.49
N GLN A 90 10.41 -25.43 -5.50
CA GLN A 90 10.91 -26.37 -4.48
CA GLN A 90 10.91 -26.39 -4.50
C GLN A 90 9.93 -27.48 -4.12
C GLN A 90 9.93 -27.51 -4.18
N ILE A 91 8.63 -27.23 -4.21
CA ILE A 91 7.63 -28.20 -3.79
C ILE A 91 6.82 -28.74 -4.97
N GLY A 92 6.44 -27.87 -5.90
CA GLY A 92 5.80 -28.32 -7.13
C GLY A 92 4.39 -28.80 -6.99
N LEU A 93 3.70 -28.43 -5.92
CA LEU A 93 2.30 -28.73 -5.72
C LEU A 93 1.51 -27.42 -5.68
N PRO A 94 0.25 -27.42 -6.11
CA PRO A 94 -0.48 -26.16 -6.23
C PRO A 94 -0.98 -25.67 -4.88
N VAL A 95 -0.87 -24.36 -4.68
CA VAL A 95 -1.48 -23.68 -3.55
C VAL A 95 -2.93 -23.43 -3.91
N THR A 96 -3.84 -24.16 -3.29
CA THR A 96 -5.25 -24.03 -3.64
C THR A 96 -6.03 -23.12 -2.70
N ARG A 97 -5.57 -22.97 -1.45
CA ARG A 97 -6.24 -22.10 -0.49
C ARG A 97 -5.18 -21.38 0.34
N ALA A 98 -5.55 -20.19 0.83
CA ALA A 98 -4.69 -19.42 1.72
C ALA A 98 -5.54 -18.79 2.82
N VAL A 99 -4.99 -18.76 4.02
CA VAL A 99 -5.62 -18.13 5.18
C VAL A 99 -4.72 -17.01 5.66
N SER A 100 -5.30 -15.84 5.91
CA SER A 100 -4.57 -14.73 6.54
C SER A 100 -4.99 -14.67 7.99
N THR A 101 -3.99 -14.57 8.89
CA THR A 101 -4.23 -14.72 10.32
C THR A 101 -4.53 -13.43 11.04
N HIS A 102 -4.29 -12.27 10.43
CA HIS A 102 -4.89 -11.02 10.89
C HIS A 102 -4.83 -10.02 9.74
N PHE A 103 -5.31 -8.81 10.02
CA PHE A 103 -5.65 -7.88 8.94
C PHE A 103 -4.49 -7.01 8.47
N HIS A 104 -3.35 -7.04 9.15
CA HIS A 104 -2.27 -6.13 8.79
C HIS A 104 -1.55 -6.58 7.51
N ASP A 105 -0.79 -5.64 6.94
N ASP A 105 -0.77 -5.63 6.95
CA ASP A 105 -0.18 -5.85 5.62
CA ASP A 105 -0.16 -5.81 5.64
C ASP A 105 0.83 -6.99 5.58
C ASP A 105 0.77 -7.01 5.59
N ASP A 106 1.43 -7.35 6.71
CA ASP A 106 2.35 -8.47 6.68
C ASP A 106 1.62 -9.82 6.57
N ARG A 107 0.30 -9.81 6.69
CA ARG A 107 -0.49 -11.02 6.56
C ARG A 107 -1.37 -11.05 5.33
N VAL A 108 -1.85 -9.88 4.89
CA VAL A 108 -2.75 -9.76 3.74
C VAL A 108 -2.11 -9.08 2.54
N GLY A 109 -0.95 -8.45 2.71
CA GLY A 109 -0.30 -7.76 1.60
C GLY A 109 0.20 -8.81 0.64
N GLY A 110 -0.34 -8.88 -0.57
CA GLY A 110 -0.11 -10.03 -1.43
C GLY A 110 -1.33 -10.87 -1.69
N VAL A 111 -2.44 -10.59 -1.00
CA VAL A 111 -3.70 -11.31 -1.26
C VAL A 111 -4.14 -11.15 -2.72
N ASP A 112 -3.96 -9.95 -3.31
CA ASP A 112 -4.38 -9.76 -4.70
C ASP A 112 -3.53 -10.60 -5.65
N VAL A 113 -2.22 -10.75 -5.34
CA VAL A 113 -1.36 -11.63 -6.12
C VAL A 113 -1.84 -13.08 -6.03
N LEU A 114 -2.17 -13.55 -4.82
CA LEU A 114 -2.69 -14.90 -4.66
C LEU A 114 -3.97 -15.08 -5.46
N ARG A 115 -4.88 -14.12 -5.35
CA ARG A 115 -6.16 -14.19 -6.07
C ARG A 115 -5.95 -14.25 -7.58
N ALA A 116 -5.03 -13.43 -8.10
CA ALA A 116 -4.79 -13.45 -9.54
C ALA A 116 -4.22 -14.78 -10.00
N ALA A 117 -3.46 -15.46 -9.14
CA ALA A 117 -2.88 -16.75 -9.45
C ALA A 117 -3.85 -17.91 -9.27
N GLY A 118 -5.10 -17.63 -8.91
CA GLY A 118 -6.11 -18.65 -8.75
C GLY A 118 -6.19 -19.29 -7.38
N VAL A 119 -5.56 -18.71 -6.36
CA VAL A 119 -5.63 -19.22 -5.00
C VAL A 119 -6.88 -18.67 -4.35
N ALA A 120 -7.67 -19.53 -3.72
CA ALA A 120 -8.84 -19.07 -2.96
C ALA A 120 -8.35 -18.51 -1.61
N THR A 121 -8.65 -17.25 -1.33
CA THR A 121 -8.13 -16.59 -0.14
C THR A 121 -9.22 -16.50 0.92
N TYR A 122 -8.83 -16.67 2.19
CA TYR A 122 -9.75 -16.78 3.32
C TYR A 122 -9.24 -15.94 4.48
N ALA A 123 -10.18 -15.43 5.27
CA ALA A 123 -9.88 -14.87 6.59
C ALA A 123 -11.20 -14.84 7.37
N SER A 124 -11.10 -14.61 8.68
CA SER A 124 -12.33 -14.45 9.44
C SER A 124 -13.06 -13.19 8.98
N PRO A 125 -14.37 -13.10 9.24
CA PRO A 125 -15.09 -11.87 8.89
C PRO A 125 -14.58 -10.65 9.64
N SER A 126 -14.07 -10.85 10.87
N SER A 126 -14.06 -10.83 10.86
CA SER A 126 -13.49 -9.74 11.60
CA SER A 126 -13.50 -9.69 11.59
C SER A 126 -12.24 -9.24 10.90
C SER A 126 -12.19 -9.23 10.95
N THR A 127 -11.38 -10.16 10.44
CA THR A 127 -10.19 -9.76 9.69
C THR A 127 -10.55 -9.03 8.41
N ARG A 128 -11.51 -9.56 7.65
CA ARG A 128 -11.89 -8.91 6.39
C ARG A 128 -12.37 -7.48 6.63
N ARG A 129 -13.21 -7.27 7.64
CA ARG A 129 -13.69 -5.94 7.95
C ARG A 129 -12.55 -4.99 8.33
N LEU A 130 -11.68 -5.43 9.24
CA LEU A 130 -10.56 -4.59 9.65
C LEU A 130 -9.63 -4.28 8.48
N ALA A 131 -9.38 -5.27 7.61
CA ALA A 131 -8.56 -5.00 6.43
C ALA A 131 -9.21 -3.94 5.55
N GLU A 132 -10.53 -4.02 5.36
CA GLU A 132 -11.20 -3.02 4.55
C GLU A 132 -11.07 -1.64 5.16
N VAL A 133 -11.29 -1.52 6.48
CA VAL A 133 -11.19 -0.23 7.14
C VAL A 133 -9.80 0.35 6.97
N GLU A 134 -8.77 -0.50 7.02
CA GLU A 134 -7.38 -0.08 6.90
C GLU A 134 -6.99 0.23 5.46
N GLY A 135 -7.83 -0.10 4.49
CA GLY A 135 -7.47 0.05 3.09
C GLY A 135 -6.54 -1.01 2.57
N ASN A 136 -6.44 -2.14 3.29
CA ASN A 136 -5.57 -3.22 2.91
C ASN A 136 -6.29 -4.18 1.96
N GLU A 137 -5.56 -5.16 1.44
CA GLU A 137 -6.16 -6.15 0.57
C GLU A 137 -7.07 -7.05 1.41
N ILE A 138 -8.14 -7.54 0.79
CA ILE A 138 -9.22 -8.21 1.52
C ILE A 138 -9.37 -9.63 0.99
N PRO A 139 -9.09 -10.66 1.79
CA PRO A 139 -9.34 -12.04 1.36
C PRO A 139 -10.79 -12.25 0.92
N THR A 140 -10.99 -13.15 -0.04
CA THR A 140 -12.30 -13.33 -0.64
C THR A 140 -13.30 -13.95 0.33
N HIS A 141 -12.92 -15.06 0.96
CA HIS A 141 -13.87 -15.87 1.71
C HIS A 141 -13.80 -15.58 3.19
N SER A 142 -14.92 -15.81 3.87
CA SER A 142 -15.07 -15.60 5.30
C SER A 142 -15.08 -16.94 6.01
N LEU A 143 -14.22 -17.07 7.03
CA LEU A 143 -14.17 -18.26 7.86
C LEU A 143 -15.16 -18.14 9.01
N GLU A 144 -16.16 -19.01 9.02
N GLU A 144 -16.16 -19.01 9.02
CA GLU A 144 -17.13 -19.03 10.11
CA GLU A 144 -17.13 -19.03 10.11
C GLU A 144 -16.59 -19.83 11.30
C GLU A 144 -16.61 -19.83 11.30
N GLY A 145 -17.22 -19.61 12.46
CA GLY A 145 -16.92 -20.42 13.63
C GLY A 145 -15.74 -19.96 14.45
N LEU A 146 -15.27 -18.72 14.26
CA LEU A 146 -14.07 -18.25 14.93
C LEU A 146 -14.30 -16.92 15.66
N SER A 147 -15.54 -16.57 15.99
CA SER A 147 -15.83 -15.23 16.48
C SER A 147 -15.67 -15.05 17.97
N SER A 148 -15.65 -16.14 18.75
CA SER A 148 -15.51 -16.05 20.21
C SER A 148 -14.22 -16.71 20.66
N SER A 149 -13.57 -16.08 21.64
CA SER A 149 -12.31 -16.62 22.15
CA SER A 149 -12.32 -16.62 22.18
C SER A 149 -12.49 -18.08 22.55
N GLY A 150 -11.52 -18.90 22.16
CA GLY A 150 -11.56 -20.33 22.39
C GLY A 150 -12.17 -21.13 21.26
N ASP A 151 -12.73 -20.48 20.25
CA ASP A 151 -13.30 -21.20 19.12
C ASP A 151 -12.21 -21.83 18.26
N ALA A 152 -12.47 -23.03 17.75
CA ALA A 152 -11.56 -23.72 16.85
C ALA A 152 -12.38 -24.33 15.71
N VAL A 153 -11.77 -24.42 14.53
CA VAL A 153 -12.37 -25.12 13.39
C VAL A 153 -11.27 -25.81 12.60
N ARG A 154 -11.59 -26.96 12.00
CA ARG A 154 -10.64 -27.60 11.10
C ARG A 154 -10.75 -26.96 9.72
N PHE A 155 -9.61 -26.79 9.07
CA PHE A 155 -9.53 -26.23 7.72
C PHE A 155 -8.47 -27.04 7.00
N GLY A 156 -8.91 -28.03 6.21
CA GLY A 156 -7.99 -28.94 5.58
C GLY A 156 -7.11 -29.61 6.61
N PRO A 157 -5.79 -29.54 6.41
CA PRO A 157 -4.86 -30.23 7.31
C PRO A 157 -4.53 -29.50 8.60
N VAL A 158 -5.16 -28.35 8.88
CA VAL A 158 -4.86 -27.59 10.09
C VAL A 158 -6.11 -27.37 10.92
N GLU A 159 -5.89 -27.01 12.19
CA GLU A 159 -6.90 -26.38 13.01
C GLU A 159 -6.61 -24.89 13.11
N LEU A 160 -7.65 -24.08 12.89
CA LEU A 160 -7.60 -22.65 13.12
C LEU A 160 -8.18 -22.38 14.50
N PHE A 161 -7.56 -21.47 15.24
CA PHE A 161 -7.98 -21.21 16.61
C PHE A 161 -8.01 -19.70 16.85
N TYR A 162 -9.11 -19.21 17.42
CA TYR A 162 -9.16 -17.81 17.83
C TYR A 162 -8.93 -17.75 19.32
N PRO A 163 -7.75 -17.31 19.79
CA PRO A 163 -7.46 -17.37 21.23
C PRO A 163 -8.04 -16.20 22.00
N GLY A 164 -8.60 -15.22 21.32
CA GLY A 164 -8.92 -13.92 21.89
C GLY A 164 -7.98 -12.85 21.36
N ALA A 165 -8.34 -11.60 21.69
CA ALA A 165 -7.54 -10.47 21.23
C ALA A 165 -6.14 -10.50 21.84
N ALA A 166 -5.15 -10.10 21.03
CA ALA A 166 -3.78 -10.10 21.51
C ALA A 166 -3.02 -9.03 20.74
N HIS A 167 -2.18 -9.45 19.79
CA HIS A 167 -1.52 -8.51 18.90
C HIS A 167 -2.54 -7.67 18.13
N SER A 168 -3.67 -8.26 17.79
CA SER A 168 -4.79 -7.57 17.17
C SER A 168 -6.05 -8.25 17.68
N THR A 169 -7.21 -7.61 17.47
CA THR A 169 -8.43 -8.22 18.01
C THR A 169 -8.84 -9.46 17.23
N ASP A 170 -8.38 -9.60 15.99
CA ASP A 170 -8.82 -10.66 15.08
C ASP A 170 -7.80 -11.78 14.95
N ASN A 171 -6.66 -11.72 15.63
CA ASN A 171 -5.58 -12.67 15.34
C ASN A 171 -5.97 -14.13 15.56
N LEU A 172 -5.63 -14.97 14.58
CA LEU A 172 -5.79 -16.42 14.63
C LEU A 172 -4.44 -17.10 14.80
N VAL A 173 -4.48 -18.29 15.39
CA VAL A 173 -3.31 -19.18 15.38
C VAL A 173 -3.69 -20.47 14.65
N VAL A 174 -2.68 -21.20 14.23
CA VAL A 174 -2.86 -22.35 13.34
C VAL A 174 -2.06 -23.51 13.91
N TYR A 175 -2.71 -24.67 14.04
CA TYR A 175 -2.04 -25.87 14.55
C TYR A 175 -2.07 -26.97 13.50
N VAL A 176 -0.95 -27.64 13.30
CA VAL A 176 -0.86 -28.79 12.40
C VAL A 176 -0.79 -30.07 13.25
N PRO A 177 -1.91 -30.77 13.44
CA PRO A 177 -1.89 -31.91 14.38
C PRO A 177 -0.95 -33.04 13.95
N SER A 178 -0.83 -33.31 12.66
CA SER A 178 0.05 -34.40 12.23
C SER A 178 1.51 -34.16 12.60
N ALA A 179 1.92 -32.90 12.75
CA ALA A 179 3.31 -32.57 12.97
C ALA A 179 3.58 -31.87 14.30
N SER A 180 2.53 -31.61 15.10
N SER A 180 2.53 -31.59 15.08
CA SER A 180 2.67 -30.90 16.37
CA SER A 180 2.66 -30.92 16.38
C SER A 180 3.31 -29.53 16.19
C SER A 180 3.23 -29.50 16.23
N VAL A 181 2.93 -28.84 15.12
CA VAL A 181 3.46 -27.53 14.80
C VAL A 181 2.41 -26.49 15.10
N LEU A 182 2.77 -25.53 15.95
CA LEU A 182 1.91 -24.41 16.29
C LEU A 182 2.48 -23.14 15.66
N TYR A 183 1.68 -22.51 14.80
CA TYR A 183 2.06 -21.26 14.16
C TYR A 183 1.29 -20.15 14.89
N GLY A 184 2.02 -19.32 15.64
CA GLY A 184 1.39 -18.31 16.46
C GLY A 184 1.11 -17.00 15.76
N GLY A 185 1.68 -16.80 14.57
CA GLY A 185 1.59 -15.50 13.95
C GLY A 185 2.08 -14.42 14.88
N CYS A 186 1.56 -13.21 14.68
CA CYS A 186 2.16 -12.05 15.35
C CYS A 186 1.73 -11.90 16.80
N ALA A 187 0.82 -12.77 17.27
CA ALA A 187 0.51 -12.88 18.68
C ALA A 187 1.63 -13.51 19.50
N ILE A 188 2.60 -14.17 18.87
CA ILE A 188 3.68 -14.84 19.58
C ILE A 188 4.99 -14.22 19.12
N TYR A 189 5.81 -13.74 20.07
CA TYR A 189 7.09 -13.15 19.75
C TYR A 189 8.20 -14.18 19.80
N GLU A 190 9.21 -14.00 18.94
CA GLU A 190 10.43 -14.78 19.07
C GLU A 190 11.20 -14.36 20.32
N LEU A 191 12.07 -15.26 20.78
CA LEU A 191 12.79 -15.04 22.04
C LEU A 191 13.70 -13.82 22.00
N SER A 192 14.31 -13.54 20.84
N SER A 192 14.32 -13.54 20.85
CA SER A 192 15.23 -12.41 20.73
CA SER A 192 15.23 -12.41 20.77
C SER A 192 14.53 -11.06 20.79
C SER A 192 14.52 -11.07 20.98
N ARG A 193 13.21 -11.01 20.67
N ARG A 193 13.23 -11.01 20.65
CA ARG A 193 12.47 -9.75 20.77
CA ARG A 193 12.47 -9.77 20.77
C ARG A 193 12.05 -9.57 22.22
C ARG A 193 12.06 -9.58 22.23
N THR A 194 12.68 -8.61 22.91
CA THR A 194 12.45 -8.38 24.32
C THR A 194 11.64 -7.14 24.61
N SER A 195 11.26 -6.37 23.59
CA SER A 195 10.40 -5.22 23.76
C SER A 195 9.22 -5.37 22.79
N ALA A 196 8.13 -4.69 23.10
CA ALA A 196 6.91 -4.89 22.33
C ALA A 196 7.00 -4.29 20.93
N GLY A 197 7.74 -3.20 20.77
CA GLY A 197 7.69 -2.49 19.51
C GLY A 197 6.34 -1.85 19.29
N ASN A 198 5.86 -1.90 18.04
CA ASN A 198 4.58 -1.30 17.68
C ASN A 198 3.43 -2.25 18.00
N VAL A 199 2.47 -1.78 18.78
CA VAL A 199 1.33 -2.57 19.24
C VAL A 199 0.08 -1.71 19.13
N ALA A 200 0.00 -0.90 18.07
CA ALA A 200 -1.06 0.11 17.98
C ALA A 200 -2.46 -0.48 17.99
N ASP A 201 -2.62 -1.69 17.46
CA ASP A 201 -3.93 -2.31 17.36
C ASP A 201 -4.12 -3.46 18.35
N ALA A 202 -3.23 -3.58 19.34
CA ALA A 202 -3.25 -4.71 20.27
C ALA A 202 -4.26 -4.49 21.39
N ASP A 203 -4.66 -5.60 22.00
CA ASP A 203 -5.40 -5.59 23.25
C ASP A 203 -4.41 -6.08 24.31
N LEU A 204 -3.65 -5.13 24.87
CA LEU A 204 -2.65 -5.49 25.87
C LEU A 204 -3.28 -6.14 27.10
N ALA A 205 -4.49 -5.71 27.46
CA ALA A 205 -5.14 -6.22 28.65
C ALA A 205 -5.51 -7.69 28.50
N GLU A 206 -5.89 -8.10 27.29
CA GLU A 206 -6.33 -9.47 27.04
C GLU A 206 -5.24 -10.39 26.53
N TRP A 207 -4.12 -9.83 26.06
CA TRP A 207 -3.11 -10.64 25.38
C TRP A 207 -2.60 -11.79 26.25
N PRO A 208 -2.21 -11.59 27.52
CA PRO A 208 -1.79 -12.75 28.34
C PRO A 208 -2.87 -13.82 28.48
N THR A 209 -4.14 -13.42 28.65
CA THR A 209 -5.20 -14.40 28.74
C THR A 209 -5.33 -15.18 27.43
N SER A 210 -5.22 -14.48 26.29
CA SER A 210 -5.30 -15.17 25.01
C SER A 210 -4.16 -16.17 24.83
N ILE A 211 -2.95 -15.81 25.30
CA ILE A 211 -1.82 -16.73 25.25
C ILE A 211 -2.09 -17.95 26.11
N GLU A 212 -2.70 -17.76 27.29
N GLU A 212 -2.69 -17.75 27.30
CA GLU A 212 -2.99 -18.93 28.12
CA GLU A 212 -3.06 -18.86 28.16
C GLU A 212 -4.01 -19.85 27.46
C GLU A 212 -3.97 -19.84 27.44
N ARG A 213 -4.94 -19.30 26.67
CA ARG A 213 -5.85 -20.17 25.92
C ARG A 213 -5.08 -21.00 24.90
N ILE A 214 -4.06 -20.41 24.26
CA ILE A 214 -3.23 -21.18 23.33
C ILE A 214 -2.53 -22.32 24.05
N GLN A 215 -1.89 -22.02 25.18
CA GLN A 215 -1.23 -23.07 25.97
C GLN A 215 -2.19 -24.18 26.36
N GLN A 216 -3.40 -23.80 26.80
CA GLN A 216 -4.38 -24.78 27.26
C GLN A 216 -4.82 -25.69 26.13
N HIS A 217 -4.93 -25.11 24.92
CA HIS A 217 -5.45 -25.84 23.78
C HIS A 217 -4.39 -26.67 23.07
N TYR A 218 -3.12 -26.25 23.08
CA TYR A 218 -2.06 -26.93 22.35
C TYR A 218 -0.87 -27.27 23.25
N PRO A 219 -1.10 -27.91 24.41
CA PRO A 219 0.02 -28.21 25.31
C PRO A 219 0.99 -29.22 24.74
N GLU A 220 0.61 -29.96 23.72
CA GLU A 220 1.46 -30.95 23.08
C GLU A 220 2.31 -30.38 21.94
N ALA A 221 2.20 -29.08 21.65
CA ALA A 221 2.96 -28.52 20.53
C ALA A 221 4.46 -28.71 20.75
N GLN A 222 5.16 -29.14 19.70
CA GLN A 222 6.60 -29.37 19.76
C GLN A 222 7.40 -28.29 19.06
N PHE A 223 6.79 -27.63 18.09
N PHE A 223 6.78 -27.51 18.18
CA PHE A 223 7.40 -26.53 17.37
CA PHE A 223 7.47 -26.53 17.35
C PHE A 223 6.44 -25.36 17.48
C PHE A 223 6.57 -25.32 17.21
N VAL A 224 6.98 -24.18 17.76
CA VAL A 224 6.18 -22.97 17.83
C VAL A 224 6.82 -21.94 16.92
N ILE A 225 6.06 -21.42 15.97
CA ILE A 225 6.56 -20.51 14.95
CA ILE A 225 6.58 -20.49 14.96
C ILE A 225 6.00 -19.12 15.24
N PRO A 226 6.84 -18.12 15.52
CA PRO A 226 6.35 -16.76 15.71
C PRO A 226 6.08 -16.11 14.36
N GLY A 227 5.38 -14.99 14.39
CA GLY A 227 5.13 -14.24 13.17
C GLY A 227 6.41 -13.72 12.54
N HIS A 228 7.44 -13.47 13.37
CA HIS A 228 8.72 -12.96 12.90
C HIS A 228 9.83 -13.63 13.68
N GLY A 229 10.79 -14.20 12.96
CA GLY A 229 12.01 -14.69 13.58
C GLY A 229 11.98 -16.17 13.87
N LEU A 230 12.81 -16.56 14.87
CA LEU A 230 13.21 -17.94 15.01
C LEU A 230 12.14 -18.76 15.73
N PRO A 231 11.84 -19.95 15.21
CA PRO A 231 10.98 -20.88 15.95
C PRO A 231 11.62 -21.33 17.26
N GLY A 232 10.79 -21.83 18.13
CA GLY A 232 11.24 -22.47 19.35
C GLY A 232 10.19 -23.44 19.80
N GLY A 233 10.09 -23.61 21.12
CA GLY A 233 9.05 -24.40 21.71
C GLY A 233 8.00 -23.55 22.38
N LEU A 234 7.20 -24.19 23.25
CA LEU A 234 6.12 -23.49 23.93
C LEU A 234 6.62 -22.37 24.83
N ASP A 235 7.91 -22.37 25.17
N ASP A 235 7.91 -22.36 25.15
CA ASP A 235 8.49 -21.26 25.93
CA ASP A 235 8.54 -21.28 25.90
C ASP A 235 8.21 -19.91 25.28
C ASP A 235 8.34 -19.92 25.25
N LEU A 236 7.99 -19.89 23.96
CA LEU A 236 7.75 -18.60 23.33
C LEU A 236 6.49 -17.94 23.88
N LEU A 237 5.54 -18.74 24.39
CA LEU A 237 4.29 -18.15 24.88
C LEU A 237 4.54 -17.34 26.13
N LYS A 238 5.19 -17.95 27.13
N LYS A 238 5.18 -17.95 27.15
CA LYS A 238 5.45 -17.23 28.38
CA LYS A 238 5.44 -17.20 28.38
C LYS A 238 6.41 -16.06 28.15
C LYS A 238 6.42 -16.06 28.16
N HIS A 239 7.34 -16.20 27.20
CA HIS A 239 8.20 -15.08 26.85
C HIS A 239 7.37 -13.91 26.32
N THR A 240 6.39 -14.20 25.45
CA THR A 240 5.57 -13.13 24.91
C THR A 240 4.76 -12.46 26.03
N THR A 241 4.19 -13.27 26.93
CA THR A 241 3.45 -12.68 28.04
C THR A 241 4.35 -11.76 28.87
N ASN A 242 5.60 -12.18 29.09
CA ASN A 242 6.53 -11.35 29.86
CA ASN A 242 6.53 -11.34 29.86
C ASN A 242 6.77 -10.01 29.16
N VAL A 243 7.01 -10.05 27.84
CA VAL A 243 7.21 -8.81 27.08
C VAL A 243 5.97 -7.93 27.14
N VAL A 244 4.80 -8.53 26.98
CA VAL A 244 3.56 -7.75 26.96
C VAL A 244 3.30 -7.11 28.32
N LYS A 245 3.48 -7.86 29.39
CA LYS A 245 3.25 -7.31 30.73
C LYS A 245 4.25 -6.21 31.05
N ALA A 246 5.51 -6.39 30.67
CA ALA A 246 6.50 -5.34 30.90
C ALA A 246 6.13 -4.09 30.14
N HIS A 247 5.66 -4.23 28.90
CA HIS A 247 5.20 -3.08 28.14
C HIS A 247 3.98 -2.44 28.78
N THR A 248 3.06 -3.26 29.28
CA THR A 248 1.89 -2.75 29.98
C THR A 248 2.28 -1.84 31.12
N ASN A 249 3.31 -2.20 31.88
CA ASN A 249 3.78 -1.42 33.01
C ASN A 249 4.81 -0.35 32.62
N ARG A 250 5.02 -0.12 31.32
CA ARG A 250 6.07 0.79 30.87
C ARG A 250 5.91 2.18 31.48
N GLU B 20 -20.36 24.40 -11.97
CA GLU B 20 -20.12 23.63 -10.76
C GLU B 20 -18.62 23.62 -10.46
N TYR B 21 -17.87 22.89 -11.26
CA TYR B 21 -16.42 22.90 -11.10
C TYR B 21 -15.89 24.28 -11.44
N PRO B 22 -15.03 24.85 -10.60
CA PRO B 22 -14.53 26.22 -10.85
C PRO B 22 -13.72 26.27 -12.14
N THR B 23 -14.15 27.15 -13.05
CA THR B 23 -13.45 27.32 -14.30
C THR B 23 -12.45 28.46 -14.19
N VAL B 24 -11.55 28.52 -15.17
CA VAL B 24 -10.46 29.50 -15.16
C VAL B 24 -10.99 30.92 -15.06
N SER B 25 -12.17 31.18 -15.66
CA SER B 25 -12.74 32.52 -15.74
C SER B 25 -13.45 32.94 -14.45
N GLU B 26 -13.25 32.23 -13.34
CA GLU B 26 -13.92 32.54 -12.08
C GLU B 26 -12.98 32.55 -10.88
N ILE B 27 -11.67 32.50 -11.12
CA ILE B 27 -10.70 32.48 -10.03
C ILE B 27 -9.64 33.56 -10.28
N PRO B 28 -9.58 34.61 -9.46
CA PRO B 28 -8.51 35.59 -9.62
C PRO B 28 -7.15 34.96 -9.29
N VAL B 29 -6.13 35.36 -10.03
CA VAL B 29 -4.78 34.84 -9.80
C VAL B 29 -4.34 35.23 -8.40
N GLY B 30 -3.95 34.25 -7.61
CA GLY B 30 -3.63 34.44 -6.20
C GLY B 30 -4.63 33.81 -5.26
N GLU B 31 -5.84 33.52 -5.74
CA GLU B 31 -6.89 32.84 -4.98
C GLU B 31 -6.91 31.36 -5.36
N VAL B 32 -7.42 30.55 -4.43
CA VAL B 32 -7.49 29.11 -4.60
C VAL B 32 -8.88 28.65 -4.21
N ARG B 33 -9.47 27.81 -5.04
CA ARG B 33 -10.75 27.18 -4.76
C ARG B 33 -10.53 25.70 -4.47
N LEU B 34 -11.39 25.17 -3.62
CA LEU B 34 -11.46 23.74 -3.38
C LEU B 34 -12.78 23.23 -3.93
N TYR B 35 -12.76 22.01 -4.45
CA TYR B 35 -13.93 21.37 -5.03
C TYR B 35 -14.02 19.96 -4.45
N GLN B 36 -15.06 19.69 -3.69
CA GLN B 36 -15.16 18.39 -3.05
C GLN B 36 -15.73 17.38 -4.03
N ILE B 37 -14.99 16.31 -4.28
CA ILE B 37 -15.33 15.32 -5.29
C ILE B 37 -16.06 14.13 -4.68
N ALA B 38 -15.63 13.72 -3.49
CA ALA B 38 -16.20 12.60 -2.79
C ALA B 38 -15.90 12.77 -1.32
N ASP B 39 -16.34 11.80 -0.51
CA ASP B 39 -16.03 11.80 0.90
C ASP B 39 -14.51 11.85 1.07
N GLY B 40 -14.02 12.94 1.66
CA GLY B 40 -12.60 13.06 1.93
C GLY B 40 -11.69 13.24 0.72
N VAL B 41 -12.23 13.68 -0.42
CA VAL B 41 -11.41 13.91 -1.60
C VAL B 41 -11.81 15.25 -2.21
N TRP B 42 -10.83 16.12 -2.42
CA TRP B 42 -11.04 17.42 -3.05
C TRP B 42 -10.00 17.62 -4.14
N SER B 43 -10.35 18.43 -5.13
CA SER B 43 -9.31 19.04 -5.94
C SER B 43 -9.08 20.45 -5.42
N HIS B 44 -7.88 20.96 -5.64
CA HIS B 44 -7.59 22.37 -5.47
C HIS B 44 -7.33 22.98 -6.84
N ILE B 45 -7.85 24.19 -7.05
CA ILE B 45 -7.82 24.83 -8.35
C ILE B 45 -7.23 26.22 -8.16
N ALA B 46 -6.18 26.53 -8.88
CA ALA B 46 -5.53 27.83 -8.83
C ALA B 46 -5.32 28.30 -10.26
N THR B 47 -4.93 29.58 -10.40
CA THR B 47 -4.68 30.15 -11.70
C THR B 47 -3.31 30.80 -11.72
N GLN B 48 -2.72 30.88 -12.90
CA GLN B 48 -1.41 31.49 -13.02
C GLN B 48 -1.33 32.21 -14.36
N SER B 49 -0.80 33.42 -14.33
N SER B 49 -0.75 33.41 -14.34
CA SER B 49 -0.46 34.13 -15.55
CA SER B 49 -0.47 34.16 -15.56
C SER B 49 0.88 33.61 -16.02
C SER B 49 0.89 33.71 -16.06
N PHE B 50 0.91 33.04 -17.22
CA PHE B 50 2.12 32.42 -17.75
C PHE B 50 2.22 32.79 -19.22
N ASP B 51 3.27 33.52 -19.59
CA ASP B 51 3.56 33.82 -20.98
C ASP B 51 2.41 34.61 -21.65
N GLY B 52 1.71 35.45 -20.87
CA GLY B 52 0.71 36.36 -21.41
C GLY B 52 -0.74 35.96 -21.17
N ALA B 53 -1.01 34.67 -20.93
CA ALA B 53 -2.37 34.18 -20.75
C ALA B 53 -2.54 33.69 -19.32
N VAL B 54 -3.79 33.39 -18.95
CA VAL B 54 -4.09 32.85 -17.63
C VAL B 54 -4.55 31.41 -17.79
N TYR B 55 -3.97 30.52 -16.99
CA TYR B 55 -4.26 29.09 -17.01
C TYR B 55 -4.72 28.62 -15.64
N PRO B 56 -5.73 27.77 -15.57
CA PRO B 56 -6.06 27.08 -14.32
C PRO B 56 -5.16 25.87 -14.15
N SER B 57 -5.07 25.40 -12.91
CA SER B 57 -4.24 24.25 -12.60
C SER B 57 -4.86 23.53 -11.42
N ASN B 58 -4.89 22.20 -11.48
CA ASN B 58 -5.46 21.36 -10.45
C ASN B 58 -4.40 20.63 -9.64
N GLY B 59 -4.73 20.39 -8.38
CA GLY B 59 -4.07 19.41 -7.54
C GLY B 59 -5.12 18.62 -6.79
N LEU B 60 -4.70 17.79 -5.84
CA LEU B 60 -5.63 16.94 -5.11
C LEU B 60 -5.38 17.04 -3.61
N ILE B 61 -6.44 16.84 -2.82
CA ILE B 61 -6.33 16.71 -1.36
C ILE B 61 -7.10 15.47 -0.96
N VAL B 62 -6.48 14.61 -0.16
CA VAL B 62 -7.11 13.37 0.26
C VAL B 62 -7.00 13.24 1.77
N ARG B 63 -8.14 13.04 2.43
CA ARG B 63 -8.13 12.88 3.87
C ARG B 63 -7.55 11.52 4.24
N ASP B 64 -6.71 11.49 5.28
CA ASP B 64 -6.26 10.21 5.81
C ASP B 64 -6.28 10.29 7.33
N GLY B 65 -7.30 9.69 7.93
CA GLY B 65 -7.56 9.84 9.34
C GLY B 65 -7.91 11.26 9.67
N ASP B 66 -7.12 11.89 10.54
CA ASP B 66 -7.32 13.27 10.95
C ASP B 66 -6.27 14.20 10.35
N GLU B 67 -5.58 13.76 9.30
CA GLU B 67 -4.60 14.54 8.58
C GLU B 67 -4.98 14.60 7.11
N LEU B 68 -4.25 15.41 6.34
CA LEU B 68 -4.48 15.49 4.90
C LEU B 68 -3.20 15.17 4.14
N LEU B 69 -3.39 14.45 3.04
CA LEU B 69 -2.35 14.26 2.02
C LEU B 69 -2.63 15.22 0.86
N LEU B 70 -1.61 16.00 0.49
CA LEU B 70 -1.71 16.96 -0.59
C LEU B 70 -1.00 16.40 -1.83
N ILE B 71 -1.64 16.50 -2.98
CA ILE B 71 -1.02 16.14 -4.25
C ILE B 71 -0.83 17.44 -5.03
N ASP B 72 0.44 17.84 -5.19
CA ASP B 72 0.89 18.96 -6.00
C ASP B 72 0.68 20.32 -5.34
N THR B 73 1.60 21.24 -5.60
CA THR B 73 1.44 22.61 -5.13
C THR B 73 0.40 23.33 -5.99
N ALA B 74 0.11 24.58 -5.63
CA ALA B 74 -0.83 25.41 -6.38
C ALA B 74 -0.13 26.35 -7.35
N TRP B 75 1.07 25.97 -7.80
CA TRP B 75 1.84 26.69 -8.82
C TRP B 75 2.36 28.02 -8.29
N GLY B 76 3.37 27.95 -7.43
CA GLY B 76 3.99 29.14 -6.90
C GLY B 76 3.83 29.31 -5.41
N ALA B 77 4.73 30.09 -4.81
CA ALA B 77 4.72 30.30 -3.36
C ALA B 77 3.45 31.01 -2.90
N LYS B 78 3.06 32.09 -3.58
CA LYS B 78 1.89 32.86 -3.15
C LYS B 78 0.62 32.01 -3.25
N ASN B 79 0.43 31.33 -4.38
CA ASN B 79 -0.74 30.47 -4.52
C ASN B 79 -0.71 29.35 -3.48
N THR B 80 0.46 28.80 -3.20
CA THR B 80 0.53 27.67 -2.27
C THR B 80 0.24 28.11 -0.84
N ALA B 81 0.67 29.32 -0.45
CA ALA B 81 0.27 29.84 0.83
C ALA B 81 -1.24 30.05 0.88
N ALA B 82 -1.82 30.54 -0.21
CA ALA B 82 -3.27 30.69 -0.26
C ALA B 82 -3.96 29.33 -0.19
N LEU B 83 -3.36 28.32 -0.81
CA LEU B 83 -3.91 26.97 -0.76
C LEU B 83 -3.98 26.48 0.69
N LEU B 84 -2.89 26.63 1.45
CA LEU B 84 -2.91 26.21 2.84
C LEU B 84 -3.96 26.97 3.64
N ALA B 85 -4.08 28.28 3.39
CA ALA B 85 -5.10 29.06 4.10
C ALA B 85 -6.49 28.58 3.75
N GLU B 86 -6.73 28.26 2.47
CA GLU B 86 -8.04 27.79 2.07
C GLU B 86 -8.34 26.42 2.65
N ILE B 87 -7.33 25.54 2.73
CA ILE B 87 -7.53 24.25 3.37
C ILE B 87 -7.92 24.43 4.83
N GLU B 88 -7.22 25.34 5.51
CA GLU B 88 -7.53 25.57 6.92
C GLU B 88 -8.93 26.15 7.10
N LYS B 89 -9.36 27.03 6.21
CA LYS B 89 -10.70 27.62 6.31
C LYS B 89 -11.79 26.61 6.00
N GLN B 90 -11.61 25.78 4.97
CA GLN B 90 -12.72 24.92 4.53
C GLN B 90 -12.67 23.50 5.08
N ILE B 91 -11.50 23.00 5.47
CA ILE B 91 -11.35 21.64 5.95
C ILE B 91 -10.88 21.61 7.40
N GLY B 92 -9.88 22.42 7.73
CA GLY B 92 -9.45 22.57 9.10
C GLY B 92 -8.69 21.40 9.66
N LEU B 93 -8.06 20.59 8.81
CA LEU B 93 -7.18 19.52 9.24
C LEU B 93 -5.78 19.84 8.72
N PRO B 94 -4.73 19.33 9.38
CA PRO B 94 -3.36 19.67 8.93
C PRO B 94 -2.93 18.85 7.74
N VAL B 95 -2.26 19.51 6.80
CA VAL B 95 -1.57 18.80 5.73
C VAL B 95 -0.24 18.30 6.30
N THR B 96 -0.06 16.99 6.32
CA THR B 96 1.18 16.43 6.88
C THR B 96 2.14 15.89 5.84
N ARG B 97 1.66 15.47 4.68
CA ARG B 97 2.54 15.03 3.60
C ARG B 97 2.04 15.63 2.30
N ALA B 98 2.97 15.84 1.37
CA ALA B 98 2.63 16.26 0.02
C ALA B 98 3.45 15.45 -0.97
N VAL B 99 2.86 15.16 -2.12
CA VAL B 99 3.54 14.48 -3.22
C VAL B 99 3.46 15.38 -4.44
N SER B 100 4.60 15.61 -5.11
CA SER B 100 4.61 16.31 -6.38
C SER B 100 4.74 15.30 -7.50
N THR B 101 3.87 15.43 -8.51
CA THR B 101 3.74 14.38 -9.52
C THR B 101 4.67 14.52 -10.71
N HIS B 102 5.34 15.67 -10.89
CA HIS B 102 6.49 15.79 -11.78
C HIS B 102 7.23 17.07 -11.42
N PHE B 103 8.28 17.37 -12.18
CA PHE B 103 9.28 18.33 -11.72
C PHE B 103 8.99 19.78 -12.11
N HIS B 104 7.97 20.04 -12.93
CA HIS B 104 7.74 21.40 -13.40
C HIS B 104 7.13 22.27 -12.30
N ASP B 105 7.18 23.60 -12.51
CA ASP B 105 6.82 24.55 -11.45
C ASP B 105 5.37 24.46 -11.02
N ASP B 106 4.47 24.00 -11.90
CA ASP B 106 3.08 23.91 -11.48
C ASP B 106 2.84 22.75 -10.52
N ARG B 107 3.85 21.92 -10.29
CA ARG B 107 3.78 20.82 -9.34
C ARG B 107 4.66 21.00 -8.12
N VAL B 108 5.82 21.65 -8.26
CA VAL B 108 6.77 21.82 -7.16
C VAL B 108 6.91 23.27 -6.71
N GLY B 109 6.45 24.23 -7.49
CA GLY B 109 6.55 25.63 -7.09
C GLY B 109 5.66 25.87 -5.90
N GLY B 110 6.24 26.18 -4.75
CA GLY B 110 5.51 26.22 -3.51
C GLY B 110 5.93 25.16 -2.51
N VAL B 111 6.80 24.23 -2.91
CA VAL B 111 7.35 23.24 -2.00
C VAL B 111 8.01 23.89 -0.79
N ASP B 112 8.72 25.01 -0.99
CA ASP B 112 9.37 25.65 0.14
C ASP B 112 8.34 26.17 1.15
N VAL B 113 7.24 26.73 0.65
CA VAL B 113 6.14 27.15 1.53
C VAL B 113 5.60 25.97 2.33
N LEU B 114 5.37 24.84 1.65
CA LEU B 114 4.88 23.64 2.34
C LEU B 114 5.86 23.20 3.42
N ARG B 115 7.14 23.12 3.08
CA ARG B 115 8.14 22.67 4.05
C ARG B 115 8.22 23.60 5.25
N ALA B 116 8.16 24.93 5.01
CA ALA B 116 8.18 25.87 6.13
C ALA B 116 6.99 25.68 7.04
N ALA B 117 5.85 25.27 6.49
CA ALA B 117 4.65 25.03 7.27
C ALA B 117 4.65 23.68 7.99
N GLY B 118 5.72 22.90 7.86
CA GLY B 118 5.81 21.62 8.53
C GLY B 118 5.34 20.43 7.73
N VAL B 119 5.07 20.61 6.44
CA VAL B 119 4.64 19.50 5.60
C VAL B 119 5.86 18.72 5.14
N ALA B 120 5.78 17.39 5.21
CA ALA B 120 6.81 16.53 4.68
C ALA B 120 6.57 16.38 3.17
N THR B 121 7.48 16.90 2.35
CA THR B 121 7.30 16.93 0.90
C THR B 121 8.02 15.76 0.26
N TYR B 122 7.38 15.16 -0.75
CA TYR B 122 7.85 13.93 -1.37
C TYR B 122 7.79 14.05 -2.89
N ALA B 123 8.71 13.35 -3.55
CA ALA B 123 8.68 13.13 -5.00
C ALA B 123 9.56 11.92 -5.30
N SER B 124 9.44 11.37 -6.50
CA SER B 124 10.34 10.29 -6.87
C SER B 124 11.78 10.83 -6.99
N PRO B 125 12.78 9.94 -6.91
CA PRO B 125 14.16 10.40 -7.16
C PRO B 125 14.32 11.06 -8.51
N SER B 126 13.63 10.53 -9.55
N SER B 126 13.62 10.55 -9.55
CA SER B 126 13.68 11.14 -10.86
CA SER B 126 13.72 11.17 -10.86
C SER B 126 13.18 12.58 -10.83
C SER B 126 13.16 12.59 -10.86
N THR B 127 12.03 12.80 -10.18
CA THR B 127 11.47 14.15 -10.10
C THR B 127 12.42 15.08 -9.34
N ARG B 128 12.98 14.60 -8.23
CA ARG B 128 13.92 15.41 -7.47
C ARG B 128 15.15 15.79 -8.31
N ARG B 129 15.72 14.82 -9.05
CA ARG B 129 16.89 15.12 -9.88
C ARG B 129 16.55 16.12 -10.98
N LEU B 130 15.42 15.94 -11.66
CA LEU B 130 15.06 16.85 -12.73
C LEU B 130 14.75 18.25 -12.20
N ALA B 131 14.08 18.34 -11.05
CA ALA B 131 13.83 19.65 -10.46
C ALA B 131 15.14 20.35 -10.14
N GLU B 132 16.10 19.63 -9.57
CA GLU B 132 17.40 20.24 -9.26
C GLU B 132 18.10 20.74 -10.54
N VAL B 133 18.05 19.97 -11.61
CA VAL B 133 18.65 20.41 -12.88
C VAL B 133 17.96 21.68 -13.39
N GLU B 134 16.63 21.72 -13.32
CA GLU B 134 15.85 22.83 -13.84
C GLU B 134 16.00 24.10 -13.01
N GLY B 135 16.43 23.99 -11.76
CA GLY B 135 16.37 25.12 -10.85
C GLY B 135 15.03 25.29 -10.15
N ASN B 136 14.22 24.24 -10.07
CA ASN B 136 12.94 24.29 -9.36
C ASN B 136 13.09 23.80 -7.94
N GLU B 137 12.09 24.07 -7.11
CA GLU B 137 12.12 23.61 -5.74
C GLU B 137 12.10 22.07 -5.70
N ILE B 138 12.76 21.53 -4.70
CA ILE B 138 13.04 20.10 -4.62
C ILE B 138 12.35 19.49 -3.41
N PRO B 139 11.34 18.65 -3.61
CA PRO B 139 10.74 17.96 -2.46
C PRO B 139 11.78 17.18 -1.68
N THR B 140 11.61 17.11 -0.36
CA THR B 140 12.65 16.62 0.53
C THR B 140 12.80 15.09 0.49
N HIS B 141 11.69 14.35 0.59
CA HIS B 141 11.74 12.91 0.70
C HIS B 141 11.59 12.26 -0.66
N SER B 142 12.06 11.03 -0.75
CA SER B 142 12.07 10.26 -1.98
C SER B 142 11.01 9.17 -1.92
N LEU B 143 10.25 9.04 -3.01
CA LEU B 143 9.30 7.94 -3.18
C LEU B 143 10.02 6.82 -3.92
N GLU B 144 10.28 5.72 -3.23
N GLU B 144 10.26 5.71 -3.21
CA GLU B 144 10.96 4.58 -3.83
CA GLU B 144 10.90 4.53 -3.78
C GLU B 144 9.92 3.64 -4.45
C GLU B 144 9.88 3.67 -4.51
N GLY B 145 10.39 2.78 -5.36
CA GLY B 145 9.53 1.79 -5.96
C GLY B 145 8.74 2.23 -7.17
N LEU B 146 9.12 3.34 -7.80
CA LEU B 146 8.33 3.89 -8.91
C LEU B 146 9.16 4.13 -10.16
N SER B 147 10.34 3.54 -10.27
CA SER B 147 11.23 3.93 -11.36
C SER B 147 10.98 3.20 -12.67
N SER B 148 10.22 2.10 -12.66
N SER B 148 10.19 2.13 -12.66
CA SER B 148 9.95 1.35 -13.87
CA SER B 148 9.92 1.32 -13.84
C SER B 148 8.48 1.50 -14.26
C SER B 148 8.47 1.50 -14.26
N SER B 149 8.24 1.67 -15.56
CA SER B 149 6.88 1.84 -16.06
CA SER B 149 6.87 1.85 -16.05
C SER B 149 5.98 0.71 -15.59
N GLY B 150 4.81 1.06 -15.06
CA GLY B 150 3.91 0.08 -14.51
C GLY B 150 4.04 -0.13 -13.02
N ASP B 151 5.02 0.52 -12.37
CA ASP B 151 5.19 0.37 -10.92
C ASP B 151 4.10 1.12 -10.16
N ALA B 152 3.62 0.52 -9.08
CA ALA B 152 2.63 1.14 -8.21
C ALA B 152 3.07 0.92 -6.77
N VAL B 153 2.90 1.94 -5.94
N VAL B 153 2.80 1.92 -5.91
CA VAL B 153 3.14 1.81 -4.51
CA VAL B 153 3.19 1.87 -4.50
C VAL B 153 1.97 2.44 -3.78
C VAL B 153 2.11 2.58 -3.68
N ARG B 154 1.72 1.96 -2.57
CA ARG B 154 0.74 2.59 -1.71
C ARG B 154 1.38 3.77 -0.99
N PHE B 155 0.58 4.84 -0.80
CA PHE B 155 0.99 6.00 -0.03
C PHE B 155 -0.22 6.46 0.76
N GLY B 156 -0.44 5.80 1.89
CA GLY B 156 -1.59 6.06 2.72
C GLY B 156 -2.88 5.77 1.97
N PRO B 157 -3.75 6.78 1.86
CA PRO B 157 -5.06 6.58 1.23
C PRO B 157 -5.04 6.60 -0.29
N VAL B 158 -3.87 6.66 -0.92
CA VAL B 158 -3.79 6.65 -2.38
C VAL B 158 -2.82 5.57 -2.83
N GLU B 159 -2.93 5.22 -4.09
CA GLU B 159 -1.89 4.50 -4.81
C GLU B 159 -1.20 5.46 -5.77
N LEU B 160 0.12 5.44 -5.76
CA LEU B 160 0.94 6.15 -6.73
C LEU B 160 1.33 5.20 -7.86
N PHE B 161 1.27 5.68 -9.10
CA PHE B 161 1.54 4.84 -10.26
C PHE B 161 2.45 5.59 -11.22
N TYR B 162 3.50 4.93 -11.69
CA TYR B 162 4.34 5.51 -12.72
C TYR B 162 3.97 4.85 -14.04
N PRO B 163 3.29 5.55 -14.95
CA PRO B 163 2.79 4.90 -16.17
C PRO B 163 3.81 4.82 -17.28
N GLY B 164 4.99 5.40 -17.10
CA GLY B 164 5.92 5.62 -18.18
C GLY B 164 5.93 7.09 -18.59
N ALA B 165 6.90 7.43 -19.43
CA ALA B 165 7.07 8.81 -19.86
C ALA B 165 5.86 9.27 -20.66
N ALA B 166 5.47 10.53 -20.47
CA ALA B 166 4.33 11.07 -21.20
C ALA B 166 4.50 12.58 -21.34
N HIS B 167 3.76 13.35 -20.57
CA HIS B 167 3.99 14.78 -20.48
C HIS B 167 5.44 15.09 -20.06
N SER B 168 6.00 14.29 -19.17
CA SER B 168 7.40 14.37 -18.78
C SER B 168 7.87 12.95 -18.50
N THR B 169 9.18 12.78 -18.34
CA THR B 169 9.64 11.41 -18.16
C THR B 169 9.30 10.89 -16.77
N ASP B 170 9.06 11.78 -15.82
CA ASP B 170 8.89 11.42 -14.43
C ASP B 170 7.45 11.44 -13.97
N ASN B 171 6.48 11.69 -14.86
CA ASN B 171 5.15 12.03 -14.35
C ASN B 171 4.52 10.83 -13.64
N LEU B 172 3.90 11.09 -12.49
CA LEU B 172 3.16 10.11 -11.72
C LEU B 172 1.67 10.39 -11.83
N VAL B 173 0.86 9.35 -11.68
CA VAL B 173 -0.57 9.49 -11.50
C VAL B 173 -0.94 8.93 -10.14
N VAL B 174 -2.09 9.38 -9.63
CA VAL B 174 -2.52 9.08 -8.27
C VAL B 174 -3.95 8.55 -8.32
N TYR B 175 -4.21 7.43 -7.63
CA TYR B 175 -5.55 6.85 -7.59
C TYR B 175 -6.03 6.79 -6.14
N VAL B 176 -7.26 7.21 -5.90
CA VAL B 176 -7.86 7.14 -4.56
C VAL B 176 -8.86 5.99 -4.57
N PRO B 177 -8.51 4.81 -4.05
CA PRO B 177 -9.39 3.65 -4.23
C PRO B 177 -10.75 3.79 -3.56
N SER B 178 -10.83 4.48 -2.43
CA SER B 178 -12.11 4.57 -1.72
C SER B 178 -13.13 5.43 -2.47
N ALA B 179 -12.67 6.23 -3.41
CA ALA B 179 -13.51 7.18 -4.12
C ALA B 179 -13.53 6.97 -5.62
N SER B 180 -12.73 6.03 -6.12
CA SER B 180 -12.60 5.77 -7.56
C SER B 180 -12.18 7.04 -8.32
N VAL B 181 -11.30 7.83 -7.71
CA VAL B 181 -10.81 9.06 -8.32
C VAL B 181 -9.41 8.81 -8.86
N LEU B 182 -9.24 9.02 -10.15
CA LEU B 182 -7.94 8.95 -10.82
C LEU B 182 -7.46 10.37 -11.13
N TYR B 183 -6.32 10.76 -10.54
CA TYR B 183 -5.72 12.06 -10.77
C TYR B 183 -4.58 11.86 -11.75
N GLY B 184 -4.75 12.39 -12.95
CA GLY B 184 -3.77 12.12 -14.00
C GLY B 184 -2.64 13.12 -14.07
N GLY B 185 -2.75 14.23 -13.36
CA GLY B 185 -1.74 15.25 -13.55
C GLY B 185 -1.66 15.69 -15.02
N CYS B 186 -0.50 16.26 -15.35
CA CYS B 186 -0.38 16.91 -16.65
C CYS B 186 -0.23 15.94 -17.82
N ALA B 187 -0.14 14.63 -17.51
CA ALA B 187 -0.18 13.59 -18.53
C ALA B 187 -1.57 13.39 -19.13
N ILE B 188 -2.62 13.92 -18.50
CA ILE B 188 -4.00 13.75 -18.98
C ILE B 188 -4.58 15.13 -19.23
N TYR B 189 -5.15 15.32 -20.43
CA TYR B 189 -5.69 16.60 -20.86
C TYR B 189 -7.20 16.64 -20.65
N GLU B 190 -7.70 17.82 -20.28
CA GLU B 190 -9.14 18.03 -20.30
C GLU B 190 -9.65 18.06 -21.73
N LEU B 191 -10.95 17.75 -21.87
CA LEU B 191 -11.56 17.63 -23.20
C LEU B 191 -11.47 18.93 -24.00
N SER B 192 -11.56 20.09 -23.34
CA SER B 192 -11.56 21.36 -24.05
CA SER B 192 -11.58 21.34 -24.09
C SER B 192 -10.27 21.63 -24.80
N ARG B 193 -9.16 20.98 -24.40
CA ARG B 193 -7.88 21.19 -25.06
C ARG B 193 -7.78 20.20 -26.20
N THR B 194 -7.81 20.69 -27.44
CA THR B 194 -7.73 19.83 -28.61
C THR B 194 -6.39 19.93 -29.32
N SER B 195 -5.45 20.70 -28.78
N SER B 195 -5.46 20.71 -28.77
CA SER B 195 -4.09 20.75 -29.28
CA SER B 195 -4.09 20.82 -29.25
C SER B 195 -3.13 20.52 -28.13
C SER B 195 -3.15 20.48 -28.11
N ALA B 196 -1.95 20.00 -28.46
CA ALA B 196 -0.98 19.59 -27.44
C ALA B 196 -0.46 20.78 -26.65
N GLY B 197 -0.33 21.94 -27.28
CA GLY B 197 0.31 23.03 -26.56
C GLY B 197 1.77 22.76 -26.25
N ASN B 198 2.20 23.26 -25.10
CA ASN B 198 3.60 23.17 -24.69
C ASN B 198 3.90 21.73 -24.25
N VAL B 199 4.79 21.06 -24.98
CA VAL B 199 5.19 19.69 -24.68
C VAL B 199 6.71 19.52 -24.76
N ALA B 200 7.44 20.56 -24.35
CA ALA B 200 8.89 20.59 -24.58
C ALA B 200 9.62 19.43 -23.91
N ASP B 201 9.14 18.95 -22.77
CA ASP B 201 9.83 17.89 -22.03
C ASP B 201 9.14 16.54 -22.15
N ALA B 202 8.21 16.42 -23.09
CA ALA B 202 7.40 15.23 -23.24
C ALA B 202 8.12 14.15 -24.00
N ASP B 203 7.63 12.92 -23.86
CA ASP B 203 8.04 11.79 -24.70
C ASP B 203 6.81 11.48 -25.56
N LEU B 204 6.76 12.12 -26.72
CA LEU B 204 5.61 11.92 -27.59
C LEU B 204 5.49 10.47 -28.04
N ALA B 205 6.63 9.83 -28.31
CA ALA B 205 6.59 8.46 -28.83
C ALA B 205 6.01 7.48 -27.82
N GLU B 206 6.22 7.74 -26.53
N GLU B 206 6.22 7.74 -26.53
CA GLU B 206 5.78 6.82 -25.47
CA GLU B 206 5.78 6.81 -25.50
C GLU B 206 4.48 7.21 -24.82
C GLU B 206 4.46 7.20 -24.86
N TRP B 207 4.05 8.46 -24.98
CA TRP B 207 2.87 8.95 -24.26
C TRP B 207 1.61 8.11 -24.45
N PRO B 208 1.21 7.71 -25.69
CA PRO B 208 0.03 6.84 -25.79
C PRO B 208 0.17 5.50 -25.10
N THR B 209 1.37 4.90 -25.15
CA THR B 209 1.60 3.65 -24.44
C THR B 209 1.44 3.83 -22.93
N SER B 210 1.97 4.94 -22.40
CA SER B 210 1.82 5.22 -20.97
C SER B 210 0.36 5.41 -20.58
N ILE B 211 -0.43 6.10 -21.43
CA ILE B 211 -1.86 6.24 -21.17
C ILE B 211 -2.55 4.88 -21.15
N GLU B 212 -2.17 3.99 -22.06
N GLU B 212 -2.16 3.99 -22.07
CA GLU B 212 -2.78 2.65 -22.06
CA GLU B 212 -2.71 2.64 -22.09
C GLU B 212 -2.45 1.89 -20.78
C GLU B 212 -2.44 1.91 -20.78
N ARG B 213 -1.24 2.09 -20.22
CA ARG B 213 -0.94 1.49 -18.91
C ARG B 213 -1.88 2.01 -17.84
N ILE B 214 -2.21 3.30 -17.87
CA ILE B 214 -3.16 3.86 -16.91
C ILE B 214 -4.53 3.20 -17.05
N GLN B 215 -5.02 3.11 -18.29
CA GLN B 215 -6.31 2.48 -18.54
C GLN B 215 -6.32 1.05 -18.05
N GLN B 216 -5.24 0.30 -18.33
N GLN B 216 -5.24 0.31 -18.30
CA GLN B 216 -5.18 -1.10 -17.93
CA GLN B 216 -5.20 -1.10 -17.93
C GLN B 216 -5.13 -1.25 -16.40
C GLN B 216 -5.05 -1.29 -16.42
N HIS B 217 -4.51 -0.31 -15.70
CA HIS B 217 -4.34 -0.43 -14.26
C HIS B 217 -5.52 0.09 -13.47
N TYR B 218 -6.24 1.10 -13.98
CA TYR B 218 -7.36 1.73 -13.28
C TYR B 218 -8.64 1.74 -14.12
N PRO B 219 -9.03 0.58 -14.68
CA PRO B 219 -10.24 0.59 -15.53
C PRO B 219 -11.53 0.84 -14.77
N GLU B 220 -11.49 0.76 -13.45
CA GLU B 220 -12.63 1.04 -12.59
C GLU B 220 -12.78 2.52 -12.27
N ALA B 221 -11.86 3.38 -12.70
CA ALA B 221 -11.91 4.78 -12.28
C ALA B 221 -13.19 5.44 -12.76
N GLN B 222 -13.81 6.22 -11.88
CA GLN B 222 -15.06 6.91 -12.19
C GLN B 222 -14.91 8.40 -12.40
N PHE B 223 -13.88 9.03 -11.79
N PHE B 223 -13.99 9.04 -11.67
CA PHE B 223 -13.69 10.48 -11.79
CA PHE B 223 -13.68 10.43 -11.88
C PHE B 223 -12.23 10.75 -12.13
C PHE B 223 -12.24 10.49 -12.32
N VAL B 224 -11.97 11.32 -13.32
CA VAL B 224 -10.61 11.52 -13.82
C VAL B 224 -10.30 13.01 -13.80
N ILE B 225 -9.22 13.37 -13.12
N ILE B 225 -9.21 13.39 -13.15
CA ILE B 225 -8.78 14.75 -12.96
CA ILE B 225 -8.85 14.79 -12.97
C ILE B 225 -7.60 14.99 -13.89
C ILE B 225 -7.60 15.10 -13.79
N PRO B 226 -7.66 16.00 -14.76
CA PRO B 226 -6.47 16.39 -15.52
C PRO B 226 -5.66 17.39 -14.70
N GLY B 227 -4.41 17.61 -15.13
CA GLY B 227 -3.58 18.62 -14.50
C GLY B 227 -4.16 20.01 -14.61
N HIS B 228 -4.92 20.27 -15.67
CA HIS B 228 -5.49 21.60 -15.93
C HIS B 228 -6.89 21.42 -16.47
N GLY B 229 -7.86 22.05 -15.81
CA GLY B 229 -9.20 22.10 -16.36
C GLY B 229 -10.17 21.09 -15.77
N LEU B 230 -11.22 20.83 -16.52
CA LEU B 230 -12.41 20.18 -16.00
C LEU B 230 -12.23 18.67 -15.87
N PRO B 231 -12.67 18.08 -14.76
CA PRO B 231 -12.67 16.62 -14.65
C PRO B 231 -13.65 15.97 -15.60
N GLY B 232 -13.48 14.68 -15.76
CA GLY B 232 -14.38 13.86 -16.54
C GLY B 232 -14.27 12.44 -16.13
N GLY B 233 -14.52 11.52 -17.06
CA GLY B 233 -14.33 10.12 -16.83
C GLY B 233 -13.13 9.60 -17.57
N LEU B 234 -13.06 8.27 -17.68
CA LEU B 234 -11.94 7.64 -18.39
C LEU B 234 -11.85 8.09 -19.85
N ASP B 235 -12.91 8.68 -20.42
CA ASP B 235 -12.84 9.24 -21.77
CA ASP B 235 -12.78 9.17 -21.78
C ASP B 235 -11.71 10.24 -21.93
N LEU B 236 -11.25 10.86 -20.84
CA LEU B 236 -10.15 11.82 -20.97
C LEU B 236 -8.87 11.14 -21.45
N LEU B 237 -8.71 9.84 -21.19
CA LEU B 237 -7.50 9.14 -21.62
C LEU B 237 -7.43 9.03 -23.13
N LYS B 238 -8.50 8.53 -23.76
CA LYS B 238 -8.56 8.46 -25.21
C LYS B 238 -8.46 9.83 -25.84
N HIS B 239 -9.13 10.83 -25.25
CA HIS B 239 -9.02 12.19 -25.77
C HIS B 239 -7.55 12.64 -25.78
N THR B 240 -6.83 12.37 -24.69
CA THR B 240 -5.42 12.79 -24.63
C THR B 240 -4.61 12.07 -25.69
N THR B 241 -4.81 10.76 -25.84
N THR B 241 -4.82 10.77 -25.86
CA THR B 241 -4.10 10.05 -26.88
CA THR B 241 -4.06 10.06 -26.89
C THR B 241 -4.39 10.64 -28.27
C THR B 241 -4.33 10.63 -28.28
N ASN B 242 -5.66 10.97 -28.52
N ASN B 242 -5.58 10.99 -28.56
CA ASN B 242 -6.01 11.59 -29.80
CA ASN B 242 -5.92 11.56 -29.86
C ASN B 242 -5.18 12.85 -30.03
C ASN B 242 -5.23 12.90 -30.08
N VAL B 243 -5.15 13.72 -29.02
CA VAL B 243 -4.45 15.00 -29.14
C VAL B 243 -2.96 14.78 -29.34
N VAL B 244 -2.38 13.87 -28.55
CA VAL B 244 -0.96 13.57 -28.66
C VAL B 244 -0.61 13.03 -30.03
N LYS B 245 -1.42 12.11 -30.54
CA LYS B 245 -1.13 11.53 -31.86
C LYS B 245 -1.28 12.57 -32.95
N ALA B 246 -2.26 13.46 -32.83
CA ALA B 246 -2.41 14.53 -33.82
C ALA B 246 -1.18 15.43 -33.84
N HIS B 247 -0.64 15.74 -32.65
CA HIS B 247 0.58 16.55 -32.58
C HIS B 247 1.77 15.79 -33.13
N THR B 248 1.87 14.50 -32.81
CA THR B 248 2.92 13.66 -33.38
C THR B 248 2.90 13.74 -34.91
N ASN B 249 1.71 13.84 -35.49
CA ASN B 249 1.55 13.84 -36.93
C ASN B 249 1.55 15.24 -37.55
N ARG B 250 2.00 16.25 -36.82
CA ARG B 250 2.03 17.62 -37.35
C ARG B 250 2.84 17.70 -38.63
C FMT C . -13.83 -21.65 -3.69
O1 FMT C . -13.09 -21.11 -4.41
O2 FMT C . -14.43 -21.13 -2.76
C FMT D . -11.97 -17.97 -4.58
O1 FMT D . -12.00 -19.04 -5.13
O2 FMT D . -12.86 -17.42 -3.97
C02 A1IKA E . 6.11 -5.58 12.75
C02 A1IKA E . 6.51 -6.30 11.73
C04 A1IKA E . 4.13 -5.98 11.13
C04 A1IKA E . 4.15 -5.69 11.27
C05 A1IKA E . 3.88 -4.66 10.38
C05 A1IKA E . 3.69 -4.44 10.52
C06 A1IKA E . 4.70 -3.55 10.56
C06 A1IKA E . 4.34 -3.23 10.71
C07 A1IKA E . 4.46 -2.39 9.86
C07 A1IKA E . 3.91 -2.11 10.01
C08 A1IKA E . 3.40 -2.32 8.96
C08 A1IKA E . 2.85 -2.20 9.11
C09 A1IKA E . 2.58 -3.42 8.77
C09 A1IKA E . 2.21 -3.41 8.92
C10 A1IKA E . 2.83 -4.59 9.47
C10 A1IKA E . 2.63 -4.53 9.61
C16 A1IKA E . 7.51 -6.03 13.14
C16 A1IKA E . 7.76 -6.33 12.60
C17 A1IKA E . 8.20 -5.64 14.27
C17 A1IKA E . 8.66 -7.39 12.58
C18 A1IKA E . 9.46 -6.22 14.45
C18 A1IKA E . 9.73 -7.29 13.46
C19 A1IKA E . 10.32 -5.93 15.51
C19 A1IKA E . 10.74 -8.26 13.56
C20 A1IKA E . 11.55 -6.57 15.59
C20 A1IKA E . 11.77 -8.08 14.47
C21 A1IKA E . 11.92 -7.50 14.63
C21 A1IKA E . 11.80 -6.94 15.26
C22 A1IKA E . 11.06 -7.78 13.57
C22 A1IKA E . 10.78 -5.99 15.16
C23 A1IKA E . 9.82 -7.14 13.48
C23 A1IKA E . 9.74 -6.16 14.25
N03 A1IKA E . 5.49 -6.22 11.61
N03 A1IKA E . 5.33 -5.56 12.11
O01 A1IKA E . 5.57 -4.73 13.37
O01 A1IKA E . 6.49 -6.94 10.74
O11 A1IKA E . 2.00 -5.69 9.26
O11 A1IKA E . 1.97 -5.75 9.40
O13 A1IKA E . 2.72 -5.13 13.43
O13 A1IKA E . 2.86 -5.44 13.70
O14 A1IKA E . 3.60 -7.44 13.37
O14 A1IKA E . 3.53 -7.72 12.92
O15 A1IKA E . 1.69 -6.80 11.90
O15 A1IKA E . 1.58 -6.57 11.85
P12 A1IKA E . 2.99 -6.33 12.56
P12 A1IKA E . 2.95 -6.38 12.51
S24 A1IKA E . 8.50 -7.22 12.36
S24 A1IKA E . 8.32 -5.25 13.82
ZN ZN F . 0.04 -7.12 12.79
ZN ZN G . -13.76 -19.18 -3.88
ZN ZN H . 3.67 -9.28 12.09
C FMT I . -9.92 16.01 -29.50
O1 FMT I . -10.07 14.83 -29.53
O2 FMT I . -10.58 16.86 -28.94
C FMT J . -11.07 12.57 -28.68
O1 FMT J . -11.64 13.48 -28.09
O2 FMT J . -10.23 12.62 -29.58
C02 A1IKA K . -0.69 25.39 -23.72
C02 A1IKA K . -0.56 25.40 -23.63
C04 A1IKA K . 0.86 26.56 -25.31
C04 A1IKA K . 0.61 26.55 -25.49
C05 A1IKA K . 1.90 27.28 -24.45
C05 A1IKA K . 1.71 27.29 -24.71
C06 A1IKA K . 1.54 27.86 -23.25
C06 A1IKA K . 1.42 28.00 -23.55
C07 A1IKA K . 2.50 28.51 -22.48
C07 A1IKA K . 2.43 28.64 -22.86
C08 A1IKA K . 3.82 28.57 -22.92
C08 A1IKA K . 3.73 28.60 -23.33
C09 A1IKA K . 4.18 27.99 -24.12
C09 A1IKA K . 4.03 27.89 -24.48
C10 A1IKA K . 3.22 27.34 -24.89
C10 A1IKA K . 3.02 27.24 -25.17
C16 A1IKA K . -2.02 25.37 -23.00
C16 A1IKA K . -1.79 25.21 -22.75
C17 A1IKA K . -2.18 25.00 -21.67
C17 A1IKA K . -3.08 25.67 -22.96
C18 A1IKA K . -3.48 25.07 -21.19
C18 A1IKA K . -4.00 25.34 -21.94
C19 A1IKA K . -3.85 24.74 -19.88
C19 A1IKA K . -5.35 25.68 -21.95
C20 A1IKA K . -5.18 24.84 -19.49
C20 A1IKA K . -6.17 25.30 -20.90
C21 A1IKA K . -6.13 25.25 -20.40
C21 A1IKA K . -5.65 24.58 -19.83
C22 A1IKA K . -5.76 25.59 -21.71
C22 A1IKA K . -4.30 24.24 -19.82
C23 A1IKA K . -4.43 25.50 -22.11
C23 A1IKA K . -3.49 24.62 -20.89
N03 A1IKA K . -0.41 26.49 -24.62
N03 A1IKA K . -0.57 26.40 -24.66
O01 A1IKA K . 0.12 24.54 -23.51
O01 A1IKA K . 0.41 24.75 -23.44
O11 A1IKA K . 3.57 26.75 -26.10
O11 A1IKA K . 3.30 26.53 -26.34
O13 A1IKA K . 0.18 28.88 -26.69
O13 A1IKA K . -0.42 28.81 -26.71
O14 A1IKA K . -0.59 26.73 -27.62
O14 A1IKA K . -1.02 26.63 -27.69
O15 A1IKA K . 1.80 27.35 -27.78
O15 A1IKA K . 1.27 27.51 -27.97
P12 A1IKA K . 0.56 27.43 -26.93
P12 A1IKA K . 0.08 27.42 -27.04
S24 A1IKA K . -3.58 25.81 -23.61
S24 A1IKA K . -1.80 24.40 -21.24
C17 A1H8T L . 7.17 25.57 -17.31
C20 A1H8T L . 10.33 27.34 -18.20
C21 A1H8T L . 10.34 28.31 -17.20
C22 A1H8T L . 9.30 28.35 -16.27
C16 A1H8T L . 6.26 25.78 -16.29
C19 A1H8T L . 9.30 26.41 -18.28
C23 A1H8T L . 8.27 27.42 -16.33
C02 A1H8T L . 4.98 25.00 -16.00
C04 A1H8T L . 2.89 24.02 -17.06
C05 A1H8T L . 1.91 24.79 -17.95
C06 A1H8T L . 0.72 25.21 -17.40
C07 A1H8T L . -0.19 25.92 -18.16
C08 A1H8T L . 0.12 26.23 -19.47
C09 A1H8T L . 1.32 25.82 -20.02
C10 A1H8T L . 2.23 25.10 -19.25
C18 A1H8T L . 8.26 26.45 -17.32
N03 A1H8T L . 4.14 24.73 -17.15
O01 A1H8T L . 4.68 24.64 -14.91
O11 A1H8T L . 3.44 24.68 -19.83
O13 A1H8T L . 4.00 21.65 -16.51
O14 A1H8T L . 3.66 22.16 -18.96
O15 A1H8T L . 1.76 21.59 -17.42
P12 A1H8T L . 3.09 22.26 -17.55
S24 A1H8T L . 6.84 27.13 -15.39
ZN ZN M . 4.76 19.87 -16.64
ZN ZN N . -11.04 14.77 -27.84
ZN ZN O . 0.77 21.21 -15.82
#